data_5AG7
#
_entry.id   5AG7
#
_cell.length_a   48.241
_cell.length_b   91.216
_cell.length_c   53.229
_cell.angle_alpha   90.00
_cell.angle_beta   113.69
_cell.angle_gamma   90.00
#
_symmetry.space_group_name_H-M   'P 1 21 1'
#
loop_
_entity.id
_entity.type
_entity.pdbx_description
1 polymer 'GLYCYLPEPTIDE N-TETRADECANOYLTRANSFERASE'
2 non-polymer 'ethyl (3-oxo-2,3-dihydro-4H-1,4-benzoxazin-4-yl)acetate'
3 non-polymer TETRADECANOYL-COA
4 water water
#
_entity_poly.entity_id   1
_entity_poly.type   'polypeptide(L)'
_entity_poly.pdbx_seq_one_letter_code
;MGSSHHHHHHSSGRENLYFQGPSNSDAAHAFWSTQPVPQTEDETEKIVFAGPMDEPKTVADIPEEPYPIASTFEWWTPNM
EAADDIHAIYELLRDNYVEDDDSMFRFNYSEEFLQWALCPPNYIPDWHVAVRRKADKKLLAFIAGVPVTLRMGTPKYMKV
KAQEKGEGEEAAKYDEPRHICEINFLCVHKQLREKRLAPILIKEATRRVNRTNVWQAVYTAGVLLPTPYASGQYFHRSLN
PEKLVEIRFSGIPAQYQKFQNPMAMLKRNYQLPSAPKNSGLREMKPSDVPQVRRILMNYLDSFDVGPVFSDAEISHYLLP
RDGVVFTYVVENDKKVTDFFSFYRIPSTVIGNSNYNLLNAAYVHYYAATSIPLHQLILDLLIVAHSRGFDVCNMVEILDN
RSFVEQLKFGAGDGHLRYYFYNWAYPKIKPSQVALVML
;
_entity_poly.pdbx_strand_id   A
#
# COMPACT_ATOMS: atom_id res chain seq x y z
N ALA A 28 -5.80 25.74 9.75
CA ALA A 28 -6.48 24.81 10.68
C ALA A 28 -6.71 23.43 10.07
N HIS A 29 -6.34 22.42 10.84
CA HIS A 29 -6.86 21.10 10.67
C HIS A 29 -7.79 20.93 11.88
N ALA A 30 -9.07 21.33 11.72
CA ALA A 30 -10.05 21.24 12.82
C ALA A 30 -10.17 19.83 13.45
N PHE A 31 -10.04 18.79 12.63
CA PHE A 31 -10.08 17.43 13.14
C PHE A 31 -8.71 16.91 13.61
N TRP A 32 -7.67 17.07 12.80
CA TRP A 32 -6.36 16.44 13.08
C TRP A 32 -5.53 17.11 14.16
N SER A 33 -5.90 18.33 14.53
CA SER A 33 -5.30 19.02 15.67
C SER A 33 -5.80 18.42 16.98
N THR A 34 -6.88 17.66 16.91
CA THR A 34 -7.46 17.04 18.11
C THR A 34 -6.92 15.61 18.31
N GLN A 35 -6.03 15.20 17.41
CA GLN A 35 -5.61 13.80 17.32
C GLN A 35 -4.17 13.61 17.77
N PRO A 36 -3.83 12.41 18.22
CA PRO A 36 -2.49 12.10 18.74
C PRO A 36 -1.45 11.79 17.64
N VAL A 37 -1.16 12.80 16.81
CA VAL A 37 -0.13 12.72 15.77
C VAL A 37 0.75 13.99 15.85
N PRO A 38 2.00 13.95 15.36
CA PRO A 38 2.75 15.20 15.38
C PRO A 38 2.10 16.26 14.47
N GLN A 39 2.08 17.50 14.92
CA GLN A 39 1.35 18.57 14.22
C GLN A 39 2.11 19.35 13.12
N THR A 40 3.43 19.45 13.23
CA THR A 40 4.25 20.18 12.23
C THR A 40 5.45 19.37 11.69
N GLU A 41 6.02 19.83 10.56
CA GLU A 41 7.35 19.40 10.11
C GLU A 41 8.42 19.66 11.18
N ASP A 42 8.39 20.87 11.75
CA ASP A 42 9.29 21.24 12.88
C ASP A 42 9.21 20.29 14.08
N GLU A 43 8.27 19.36 14.06
CA GLU A 43 8.10 18.41 15.15
C GLU A 43 8.80 17.06 14.86
N THR A 44 8.25 16.59 13.89
CA THR A 44 8.78 15.31 13.52
C THR A 44 10.25 15.43 13.14
N GLU A 45 11.05 16.62 12.70
CA GLU A 45 12.47 16.93 12.54
C GLU A 45 13.22 16.78 13.87
N LYS A 46 12.57 17.14 14.98
CA LYS A 46 13.24 17.10 16.28
C LYS A 46 12.90 15.87 17.16
N ILE A 47 12.05 14.97 16.65
CA ILE A 47 11.78 13.66 17.30
C ILE A 47 12.96 12.69 17.11
N VAL A 48 13.39 12.08 18.21
CA VAL A 48 14.55 11.19 18.15
C VAL A 48 14.14 9.73 18.35
N PHE A 49 13.42 9.43 19.42
CA PHE A 49 13.05 8.04 19.67
C PHE A 49 11.64 7.75 19.25
N ALA A 50 11.45 6.51 18.80
CA ALA A 50 10.13 5.95 18.60
C ALA A 50 9.38 5.85 19.93
N GLY A 51 8.05 5.96 19.90
CA GLY A 51 7.22 5.83 21.09
C GLY A 51 5.84 6.44 20.87
N PRO A 52 4.85 6.11 21.73
CA PRO A 52 3.51 6.65 21.58
C PRO A 52 3.42 8.15 21.86
N MET A 53 2.28 8.73 21.52
CA MET A 53 2.04 10.17 21.72
C MET A 53 1.16 10.38 22.95
N ASP A 54 0.19 9.50 23.10
CA ASP A 54 -0.95 9.66 24.00
C ASP A 54 -0.72 9.26 25.45
N GLU A 55 -1.68 9.60 26.30
CA GLU A 55 -1.85 8.91 27.56
C GLU A 55 -2.01 7.40 27.32
N PRO A 56 -1.31 6.56 28.12
CA PRO A 56 -1.70 5.17 28.21
C PRO A 56 -3.16 5.06 28.59
N LYS A 57 -3.85 4.11 27.97
CA LYS A 57 -5.23 3.85 28.31
C LYS A 57 -5.49 2.35 28.25
N THR A 58 -6.73 1.98 28.55
CA THR A 58 -7.11 0.58 28.67
C THR A 58 -8.37 0.40 27.86
N VAL A 59 -8.72 -0.84 27.54
CA VAL A 59 -9.96 -1.11 26.86
C VAL A 59 -11.08 -0.54 27.73
N ALA A 60 -10.91 -0.61 29.04
CA ALA A 60 -11.96 -0.18 29.93
C ALA A 60 -12.32 1.35 29.79
N ASP A 61 -11.38 2.16 29.26
CA ASP A 61 -11.57 3.61 29.10
C ASP A 61 -12.27 4.02 27.81
N ILE A 62 -12.55 3.03 26.96
CA ILE A 62 -13.02 3.25 25.63
C ILE A 62 -14.50 2.98 25.66
N PRO A 63 -15.33 3.95 25.23
CA PRO A 63 -16.75 3.67 25.13
C PRO A 63 -17.01 2.36 24.36
N GLU A 64 -18.06 1.64 24.72
CA GLU A 64 -18.37 0.40 24.05
C GLU A 64 -19.39 0.64 22.98
N GLU A 65 -20.11 1.76 23.11
CA GLU A 65 -21.16 2.07 22.17
C GLU A 65 -20.59 2.84 21.00
N PRO A 66 -21.01 2.44 19.77
CA PRO A 66 -20.51 3.13 18.59
C PRO A 66 -20.68 4.64 18.75
N TYR A 67 -19.80 5.37 18.12
CA TYR A 67 -19.87 6.81 18.10
C TYR A 67 -21.27 7.29 17.59
N PRO A 68 -21.80 8.39 18.12
CA PRO A 68 -23.10 8.89 17.60
C PRO A 68 -23.06 9.42 16.15
N ILE A 69 -24.19 9.34 15.46
CA ILE A 69 -24.33 9.75 14.04
C ILE A 69 -25.74 10.22 13.75
N ALA A 70 -25.87 11.12 12.78
CA ALA A 70 -27.19 11.59 12.33
C ALA A 70 -28.17 10.41 12.14
N SER A 71 -29.40 10.62 12.58
CA SER A 71 -30.37 9.54 12.62
C SER A 71 -30.74 8.95 11.23
N THR A 72 -30.50 9.70 10.16
CA THR A 72 -30.76 9.20 8.79
C THR A 72 -29.65 8.24 8.34
N PHE A 73 -28.66 8.03 9.21
CA PHE A 73 -27.52 7.14 8.97
C PHE A 73 -27.43 6.06 10.02
N GLU A 74 -26.70 4.99 9.71
CA GLU A 74 -26.31 3.97 10.69
C GLU A 74 -24.92 3.38 10.35
N TRP A 75 -24.23 2.88 11.39
CA TRP A 75 -22.98 2.13 11.29
C TRP A 75 -23.29 0.74 10.83
N TRP A 76 -22.42 0.19 9.99
CA TRP A 76 -22.60 -1.15 9.49
C TRP A 76 -21.27 -1.87 9.43
N THR A 77 -21.23 -3.10 9.96
CA THR A 77 -20.07 -3.98 9.79
C THR A 77 -20.35 -4.95 8.65
N PRO A 78 -19.68 -4.74 7.49
CA PRO A 78 -19.88 -5.67 6.37
C PRO A 78 -19.27 -7.00 6.70
N ASN A 79 -19.89 -8.05 6.19
CA ASN A 79 -19.36 -9.39 6.28
C ASN A 79 -18.58 -9.64 4.99
N MET A 80 -17.25 -9.62 5.07
CA MET A 80 -16.45 -9.69 3.84
C MET A 80 -16.29 -11.10 3.36
N GLU A 81 -17.06 -12.02 3.92
CA GLU A 81 -17.16 -13.36 3.38
C GLU A 81 -18.55 -13.54 2.77
N ALA A 82 -19.16 -12.43 2.41
CA ALA A 82 -20.43 -12.39 1.68
C ALA A 82 -20.25 -11.59 0.38
N ALA A 83 -20.36 -12.29 -0.74
CA ALA A 83 -20.34 -11.70 -2.08
C ALA A 83 -21.03 -10.34 -2.15
N ASP A 84 -22.15 -10.21 -1.45
CA ASP A 84 -22.99 -9.03 -1.56
C ASP A 84 -22.47 -7.83 -0.72
N ASP A 85 -21.89 -8.09 0.45
CA ASP A 85 -21.28 -6.99 1.16
C ASP A 85 -20.05 -6.51 0.38
N ILE A 86 -19.19 -7.45 0.01
CA ILE A 86 -18.01 -7.18 -0.80
C ILE A 86 -18.36 -6.35 -2.02
N HIS A 87 -19.40 -6.74 -2.73
CA HIS A 87 -19.87 -6.01 -3.90
C HIS A 87 -20.30 -4.57 -3.55
N ALA A 88 -21.01 -4.41 -2.45
CA ALA A 88 -21.46 -3.08 -2.07
C ALA A 88 -20.25 -2.15 -1.85
N ILE A 89 -19.22 -2.66 -1.17
CA ILE A 89 -17.97 -1.94 -0.98
C ILE A 89 -17.30 -1.70 -2.32
N TYR A 90 -17.39 -2.70 -3.20
CA TYR A 90 -16.77 -2.62 -4.51
C TYR A 90 -17.36 -1.49 -5.34
N GLU A 91 -18.68 -1.35 -5.30
CA GLU A 91 -19.36 -0.30 -6.05
C GLU A 91 -19.01 1.08 -5.54
N LEU A 92 -19.02 1.24 -4.22
CA LEU A 92 -18.66 2.50 -3.59
C LEU A 92 -17.28 2.99 -4.04
N LEU A 93 -16.30 2.07 -4.07
CA LEU A 93 -14.90 2.43 -4.37
C LEU A 93 -14.69 2.68 -5.83
N ARG A 94 -15.25 1.78 -6.66
CA ARG A 94 -15.32 1.93 -8.13
C ARG A 94 -15.77 3.31 -8.56
N ASP A 95 -16.76 3.86 -7.82
CA ASP A 95 -17.35 5.15 -8.12
C ASP A 95 -16.85 6.34 -7.31
N ASN A 96 -16.25 6.10 -6.16
CA ASN A 96 -15.88 7.20 -5.26
C ASN A 96 -14.48 7.14 -4.65
N TYR A 97 -13.72 6.11 -5.02
CA TYR A 97 -12.41 5.93 -4.42
C TYR A 97 -11.42 6.83 -5.14
N VAL A 98 -10.12 6.57 -4.95
CA VAL A 98 -9.07 7.51 -5.32
C VAL A 98 -8.96 7.79 -6.84
N GLU A 99 -8.74 9.07 -7.17
CA GLU A 99 -8.50 9.51 -8.55
C GLU A 99 -7.15 10.21 -8.69
N ASP A 100 -6.56 10.14 -9.87
CA ASP A 100 -5.36 10.93 -10.11
C ASP A 100 -5.70 12.44 -10.03
N ASP A 101 -4.67 13.29 -9.86
CA ASP A 101 -4.84 14.76 -9.76
C ASP A 101 -5.72 15.32 -10.86
N ASP A 102 -5.54 14.78 -12.07
CA ASP A 102 -6.23 15.30 -13.27
C ASP A 102 -7.57 14.64 -13.55
N SER A 103 -8.06 13.82 -12.62
CA SER A 103 -9.39 13.20 -12.74
C SER A 103 -9.61 12.41 -14.03
N MET A 104 -8.53 11.76 -14.47
CA MET A 104 -8.51 10.96 -15.67
C MET A 104 -8.70 9.47 -15.37
N PHE A 105 -8.11 9.02 -14.27
CA PHE A 105 -8.16 7.61 -13.84
C PHE A 105 -8.62 7.53 -12.40
N ARG A 106 -9.31 6.42 -12.10
CA ARG A 106 -9.78 6.07 -10.77
C ARG A 106 -9.50 4.58 -10.53
N PHE A 107 -9.04 4.25 -9.32
CA PHE A 107 -8.89 2.85 -8.94
C PHE A 107 -10.20 2.06 -9.11
N ASN A 108 -10.05 0.79 -9.46
CA ASN A 108 -11.17 -0.11 -9.63
C ASN A 108 -10.78 -1.48 -9.05
N TYR A 109 -10.34 -1.48 -7.80
CA TYR A 109 -10.07 -2.70 -7.10
C TYR A 109 -11.17 -3.70 -7.34
N SER A 110 -10.84 -4.89 -7.85
CA SER A 110 -11.82 -5.95 -8.08
C SER A 110 -12.40 -6.46 -6.75
N GLU A 111 -13.45 -7.27 -6.85
CA GLU A 111 -14.08 -7.90 -5.68
C GLU A 111 -13.12 -8.89 -5.02
N GLU A 112 -12.48 -9.73 -5.84
CA GLU A 112 -11.58 -10.77 -5.33
C GLU A 112 -10.40 -10.13 -4.63
N PHE A 113 -9.99 -8.98 -5.13
CA PHE A 113 -8.92 -8.20 -4.52
C PHE A 113 -9.33 -7.67 -3.14
N LEU A 114 -10.55 -7.17 -3.01
CA LEU A 114 -11.03 -6.70 -1.72
C LEU A 114 -11.14 -7.83 -0.71
N GLN A 115 -11.45 -9.04 -1.14
CA GLN A 115 -11.53 -10.14 -0.20
C GLN A 115 -10.10 -10.36 0.28
N TRP A 116 -9.18 -10.49 -0.67
CA TRP A 116 -7.80 -10.75 -0.34
C TRP A 116 -7.23 -9.70 0.65
N ALA A 117 -7.42 -8.41 0.33
CA ALA A 117 -6.83 -7.30 1.09
C ALA A 117 -7.42 -7.13 2.50
N LEU A 118 -8.72 -7.38 2.62
CA LEU A 118 -9.45 -7.09 3.87
C LEU A 118 -9.53 -8.26 4.86
N CYS A 119 -9.33 -9.47 4.35
CA CYS A 119 -9.40 -10.71 5.14
C CYS A 119 -8.07 -11.46 5.25
N PRO A 120 -7.00 -10.79 5.69
CA PRO A 120 -5.79 -11.58 5.89
C PRO A 120 -5.95 -12.45 7.17
N PRO A 121 -4.95 -13.30 7.48
CA PRO A 121 -5.06 -14.17 8.65
C PRO A 121 -5.30 -13.41 9.97
N ASN A 122 -6.15 -13.97 10.83
CA ASN A 122 -6.61 -13.33 12.08
C ASN A 122 -7.14 -11.90 11.94
N TYR A 123 -7.84 -11.64 10.86
CA TYR A 123 -8.42 -10.32 10.68
C TYR A 123 -9.57 -10.10 11.68
N ILE A 124 -9.78 -8.85 12.03
CA ILE A 124 -10.86 -8.50 12.93
C ILE A 124 -11.98 -7.94 12.06
N PRO A 125 -13.08 -8.68 11.93
CA PRO A 125 -14.21 -8.22 11.13
C PRO A 125 -14.71 -6.84 11.62
N ASP A 126 -14.62 -6.62 12.92
CA ASP A 126 -15.16 -5.42 13.51
C ASP A 126 -14.43 -4.17 13.04
N TRP A 127 -13.19 -4.34 12.55
CA TRP A 127 -12.39 -3.21 12.06
C TRP A 127 -12.81 -2.73 10.67
N HIS A 128 -13.79 -3.40 10.07
CA HIS A 128 -14.34 -2.92 8.81
C HIS A 128 -15.58 -2.07 9.10
N VAL A 129 -15.42 -0.76 8.95
CA VAL A 129 -16.40 0.19 9.39
C VAL A 129 -17.07 0.86 8.21
N ALA A 130 -18.38 0.68 8.11
CA ALA A 130 -19.16 1.33 7.05
C ALA A 130 -20.32 2.17 7.63
N VAL A 131 -20.66 3.25 6.93
CA VAL A 131 -21.83 4.03 7.22
C VAL A 131 -22.79 3.89 6.06
N ARG A 132 -24.02 3.50 6.35
CA ARG A 132 -25.03 3.49 5.33
C ARG A 132 -26.28 4.21 5.81
N ARG A 133 -27.03 4.73 4.83
CA ARG A 133 -28.33 5.38 5.07
C ARG A 133 -29.27 4.39 5.71
N LYS A 134 -30.10 4.84 6.63
CA LYS A 134 -31.06 3.95 7.30
C LYS A 134 -32.21 3.53 6.36
N ALA A 135 -32.83 4.53 5.72
CA ALA A 135 -33.88 4.27 4.74
C ALA A 135 -33.55 3.08 3.83
N ASP A 136 -32.72 3.31 2.79
CA ASP A 136 -32.49 2.34 1.70
C ASP A 136 -31.26 1.44 1.84
N LYS A 137 -30.45 1.70 2.86
CA LYS A 137 -29.20 0.95 3.05
C LYS A 137 -28.16 1.17 1.94
N LYS A 138 -28.23 2.31 1.22
CA LYS A 138 -27.12 2.68 0.34
C LYS A 138 -25.87 3.00 1.17
N LEU A 139 -24.79 2.28 0.84
CA LEU A 139 -23.49 2.46 1.44
C LEU A 139 -22.99 3.86 1.12
N LEU A 140 -22.50 4.56 2.13
CA LEU A 140 -22.20 5.99 2.00
C LEU A 140 -20.76 6.32 2.32
N ALA A 141 -20.11 5.48 3.10
CA ALA A 141 -18.72 5.66 3.46
C ALA A 141 -18.16 4.36 4.03
N PHE A 142 -16.84 4.20 3.93
CA PHE A 142 -16.18 3.00 4.38
C PHE A 142 -14.75 3.32 4.80
N ILE A 143 -14.28 2.69 5.87
CA ILE A 143 -12.86 2.68 6.22
C ILE A 143 -12.47 1.27 6.68
N ALA A 144 -11.31 0.77 6.28
CA ALA A 144 -10.93 -0.57 6.75
C ALA A 144 -9.61 -0.66 7.53
N GLY A 145 -9.63 -1.45 8.59
CA GLY A 145 -8.42 -1.78 9.32
C GLY A 145 -8.12 -3.26 9.17
N VAL A 146 -6.86 -3.60 8.95
CA VAL A 146 -6.40 -4.99 9.05
C VAL A 146 -5.18 -5.11 9.99
N PRO A 147 -4.97 -6.32 10.56
CA PRO A 147 -3.86 -6.47 11.49
C PRO A 147 -2.57 -6.49 10.74
N VAL A 148 -1.56 -5.81 11.29
CA VAL A 148 -0.20 -6.04 10.86
C VAL A 148 0.73 -6.05 12.08
N THR A 149 1.74 -6.92 12.02
CA THR A 149 2.84 -6.97 12.98
C THR A 149 3.99 -6.20 12.36
N LEU A 150 4.36 -5.06 12.94
CA LEU A 150 5.30 -4.15 12.30
C LEU A 150 6.50 -3.78 13.16
N ARG A 151 7.69 -3.86 12.59
CA ARG A 151 8.87 -3.28 13.23
C ARG A 151 8.86 -1.75 13.10
N MET A 152 8.81 -1.06 14.22
CA MET A 152 8.66 0.39 14.19
C MET A 152 9.37 1.09 15.35
N GLY A 153 10.39 0.42 15.85
CA GLY A 153 11.30 1.01 16.83
C GLY A 153 12.21 2.05 16.18
N THR A 154 12.91 2.81 17.03
CA THR A 154 13.83 3.83 16.57
C THR A 154 14.65 3.36 15.34
N PRO A 155 14.77 4.23 14.32
CA PRO A 155 15.52 3.89 13.10
C PRO A 155 16.94 3.50 13.46
N LYS A 156 17.80 3.24 12.48
CA LYS A 156 19.16 2.77 12.77
C LYS A 156 20.08 3.95 13.02
N TYR A 157 20.13 4.89 12.09
CA TYR A 157 20.94 6.10 12.26
C TYR A 157 20.67 6.75 13.63
N MET A 158 19.40 6.93 14.00
CA MET A 158 19.07 7.53 15.30
C MET A 158 19.53 6.69 16.50
N LYS A 159 19.91 5.44 16.27
CA LYS A 159 20.49 4.58 17.33
C LYS A 159 22.04 4.67 17.42
N VAL A 160 22.67 5.25 16.39
CA VAL A 160 24.04 5.75 16.53
C VAL A 160 23.96 6.87 17.56
N LYS A 161 23.50 8.04 17.14
CA LYS A 161 23.24 9.17 18.05
C LYS A 161 23.05 8.76 19.50
N ALA A 162 22.35 7.65 19.75
CA ALA A 162 21.98 7.28 21.11
C ALA A 162 23.02 6.37 21.79
N GLN A 163 24.22 6.30 21.22
CA GLN A 163 25.34 5.60 21.84
C GLN A 163 26.41 6.64 22.10
N GLU A 164 26.59 7.50 21.09
CA GLU A 164 27.19 8.83 21.20
C GLU A 164 26.74 9.62 22.45
N LYS A 165 25.53 9.32 22.94
CA LYS A 165 24.93 10.07 24.04
C LYS A 165 24.49 9.24 25.26
N GLY A 166 24.73 7.92 25.22
CA GLY A 166 24.37 7.02 26.33
C GLY A 166 22.89 6.71 26.54
N GLU A 167 22.08 6.91 25.50
CA GLU A 167 20.62 6.85 25.58
C GLU A 167 19.99 5.57 24.98
N GLY A 168 20.83 4.56 24.74
CA GLY A 168 20.45 3.30 24.08
C GLY A 168 19.21 2.57 24.57
N GLU A 169 19.00 2.53 25.88
CA GLU A 169 17.84 1.79 26.39
C GLU A 169 16.53 2.57 26.17
N GLU A 170 16.63 3.89 26.14
CA GLU A 170 15.48 4.72 25.80
C GLU A 170 15.14 4.47 24.33
N ALA A 171 16.18 4.37 23.52
CA ALA A 171 16.05 4.25 22.08
C ALA A 171 15.54 2.89 21.64
N ALA A 172 15.80 1.85 22.44
CA ALA A 172 15.46 0.50 22.05
C ALA A 172 14.20 0.03 22.72
N LYS A 173 13.65 0.87 23.59
CA LYS A 173 12.43 0.55 24.32
C LYS A 173 11.36 -0.23 23.54
N TYR A 174 11.08 0.19 22.31
CA TYR A 174 9.95 -0.33 21.53
C TYR A 174 10.40 -0.99 20.23
N ASP A 175 11.46 -1.79 20.32
CA ASP A 175 12.00 -2.53 19.22
C ASP A 175 11.22 -3.79 18.86
N GLU A 176 10.41 -4.29 19.78
CA GLU A 176 9.69 -5.51 19.47
C GLU A 176 8.68 -5.16 18.37
N PRO A 177 8.54 -6.04 17.36
CA PRO A 177 7.41 -5.94 16.43
C PRO A 177 6.09 -5.74 17.21
N ARG A 178 5.27 -4.78 16.78
CA ARG A 178 4.05 -4.45 17.49
C ARG A 178 2.84 -4.87 16.68
N HIS A 179 1.82 -5.36 17.37
CA HIS A 179 0.60 -5.74 16.70
C HIS A 179 -0.27 -4.49 16.67
N ILE A 180 -0.44 -3.97 15.47
CA ILE A 180 -1.11 -2.70 15.24
C ILE A 180 -2.13 -2.77 14.13
N CYS A 181 -2.70 -1.63 13.78
CA CYS A 181 -3.73 -1.55 12.75
C CYS A 181 -3.20 -0.90 11.49
N GLU A 182 -3.56 -1.47 10.35
CA GLU A 182 -3.21 -0.89 9.07
C GLU A 182 -4.47 -0.44 8.39
N ILE A 183 -4.64 0.87 8.31
CA ILE A 183 -5.87 1.47 7.83
C ILE A 183 -5.71 1.69 6.33
N ASN A 184 -6.78 1.47 5.56
CA ASN A 184 -6.76 1.63 4.10
C ASN A 184 -8.20 1.82 3.66
N PHE A 185 -8.43 2.26 2.44
CA PHE A 185 -9.78 2.28 1.86
C PHE A 185 -10.79 3.27 2.48
N LEU A 186 -10.29 4.31 3.15
CA LEU A 186 -11.13 5.45 3.51
C LEU A 186 -11.87 5.95 2.27
N CYS A 187 -13.16 6.12 2.39
CA CYS A 187 -13.91 6.57 1.25
C CYS A 187 -15.26 7.10 1.65
N VAL A 188 -15.57 8.26 1.10
CA VAL A 188 -16.85 8.88 1.31
C VAL A 188 -17.44 9.13 -0.07
N HIS A 189 -18.68 8.67 -0.26
CA HIS A 189 -19.45 8.87 -1.51
C HIS A 189 -19.45 10.33 -1.98
N LYS A 190 -19.29 10.55 -3.29
CA LYS A 190 -19.12 11.89 -3.87
C LYS A 190 -20.13 12.91 -3.35
N GLN A 191 -21.30 12.40 -2.99
CA GLN A 191 -22.42 13.23 -2.61
C GLN A 191 -22.33 13.78 -1.21
N LEU A 192 -21.49 13.15 -0.39
CA LEU A 192 -21.43 13.40 1.03
C LEU A 192 -20.12 14.09 1.45
N ARG A 193 -19.38 14.53 0.45
CA ARG A 193 -18.08 15.16 0.67
C ARG A 193 -18.20 16.53 1.34
N GLU A 194 -17.07 17.04 1.86
CA GLU A 194 -17.04 18.33 2.57
C GLU A 194 -18.08 18.44 3.68
N LYS A 195 -18.57 17.31 4.17
CA LYS A 195 -19.55 17.31 5.24
C LYS A 195 -19.03 16.74 6.57
N ARG A 196 -17.71 16.75 6.75
CA ARG A 196 -17.05 16.30 8.00
C ARG A 196 -17.42 14.87 8.37
N LEU A 197 -17.58 14.03 7.37
CA LEU A 197 -18.03 12.66 7.60
C LEU A 197 -16.85 11.69 7.79
N ALA A 198 -15.74 11.96 7.11
CA ALA A 198 -14.51 11.20 7.29
C ALA A 198 -13.87 11.30 8.71
N PRO A 199 -13.95 12.47 9.39
CA PRO A 199 -13.46 12.46 10.78
C PRO A 199 -14.21 11.48 11.66
N ILE A 200 -15.54 11.50 11.59
CA ILE A 200 -16.39 10.58 12.32
C ILE A 200 -16.02 9.10 12.06
N LEU A 201 -15.84 8.77 10.78
CA LEU A 201 -15.36 7.47 10.36
C LEU A 201 -14.07 7.08 11.02
N ILE A 202 -13.17 8.04 11.14
CA ILE A 202 -11.87 7.79 11.74
C ILE A 202 -11.93 7.59 13.25
N LYS A 203 -12.86 8.26 13.91
CA LYS A 203 -13.04 8.12 15.36
C LYS A 203 -13.67 6.80 15.70
N GLU A 204 -14.55 6.32 14.83
CA GLU A 204 -15.22 5.05 15.08
C GLU A 204 -14.26 3.89 14.86
N ALA A 205 -13.41 3.97 13.83
CA ALA A 205 -12.37 2.97 13.64
C ALA A 205 -11.38 3.01 14.83
N THR A 206 -10.80 4.18 15.09
CA THR A 206 -10.00 4.38 16.32
C THR A 206 -10.62 3.65 17.53
N ARG A 207 -11.93 3.79 17.72
CA ARG A 207 -12.63 3.23 18.86
C ARG A 207 -12.69 1.72 18.74
N ARG A 208 -12.99 1.23 17.54
CA ARG A 208 -13.18 -0.20 17.34
C ARG A 208 -11.87 -0.91 17.61
N VAL A 209 -10.78 -0.34 17.11
CA VAL A 209 -9.39 -0.78 17.32
C VAL A 209 -8.82 -0.58 18.74
N ASN A 210 -9.15 0.52 19.40
CA ASN A 210 -8.81 0.68 20.81
C ASN A 210 -9.43 -0.43 21.69
N ARG A 211 -10.67 -0.78 21.44
CA ARG A 211 -11.37 -1.83 22.19
C ARG A 211 -10.71 -3.21 22.01
N THR A 212 -9.71 -3.27 21.12
CA THR A 212 -9.05 -4.52 20.82
C THR A 212 -7.70 -4.43 21.48
N ASN A 213 -7.50 -3.34 22.23
CA ASN A 213 -6.25 -3.09 22.92
C ASN A 213 -5.14 -2.92 21.89
N VAL A 214 -5.42 -2.11 20.87
CA VAL A 214 -4.42 -1.63 19.88
C VAL A 214 -4.43 -0.09 19.85
N TRP A 215 -3.24 0.51 19.88
CA TRP A 215 -3.09 1.95 20.13
C TRP A 215 -2.36 2.72 19.04
N GLN A 216 -1.79 1.99 18.07
CA GLN A 216 -1.12 2.52 16.87
C GLN A 216 -1.83 2.10 15.56
N ALA A 217 -1.60 2.88 14.52
CA ALA A 217 -1.99 2.50 13.18
C ALA A 217 -0.95 2.99 12.20
N VAL A 218 -0.90 2.37 11.03
CA VAL A 218 -0.09 2.88 9.96
C VAL A 218 -1.01 3.05 8.74
N TYR A 219 -0.81 4.13 7.99
CA TYR A 219 -1.61 4.41 6.79
C TYR A 219 -0.82 5.25 5.81
N THR A 220 -1.20 5.20 4.55
CA THR A 220 -0.62 6.07 3.54
C THR A 220 -1.71 6.94 2.91
N ALA A 221 -1.30 8.09 2.39
CA ALA A 221 -2.20 8.98 1.71
C ALA A 221 -1.47 9.54 0.51
N GLY A 222 -2.21 9.77 -0.56
CA GLY A 222 -1.67 10.55 -1.66
C GLY A 222 -1.53 12.02 -1.28
N VAL A 223 -2.30 12.47 -0.29
CA VAL A 223 -2.31 13.87 0.10
C VAL A 223 -1.47 14.10 1.35
N LEU A 224 -1.26 15.38 1.68
CA LEU A 224 -0.42 15.76 2.82
C LEU A 224 -1.20 16.03 4.09
N LEU A 225 -0.81 15.31 5.14
CA LEU A 225 -1.48 15.40 6.44
C LEU A 225 -0.49 15.66 7.57
N PRO A 226 -0.96 16.11 8.72
CA PRO A 226 0.07 16.05 9.76
C PRO A 226 0.15 14.60 10.25
N THR A 227 1.33 13.96 10.20
CA THR A 227 2.54 14.47 9.55
C THR A 227 3.34 13.25 9.11
N PRO A 228 3.83 13.22 7.83
CA PRO A 228 4.40 11.95 7.39
C PRO A 228 5.74 11.73 8.05
N TYR A 229 6.14 10.46 8.23
CA TYR A 229 7.47 10.14 8.66
C TYR A 229 8.33 9.82 7.45
N ALA A 230 7.67 9.48 6.35
CA ALA A 230 8.37 9.20 5.09
C ALA A 230 7.45 9.51 3.95
N SER A 231 8.06 9.85 2.82
CA SER A 231 7.36 10.23 1.59
C SER A 231 8.22 9.83 0.42
N GLY A 232 7.61 9.40 -0.69
CA GLY A 232 8.35 8.95 -1.88
C GLY A 232 7.62 9.19 -3.20
N GLN A 233 8.38 9.25 -4.30
CA GLN A 233 7.75 9.35 -5.62
C GLN A 233 7.08 8.04 -6.04
N TYR A 234 6.01 8.18 -6.81
CA TYR A 234 5.52 7.08 -7.60
C TYR A 234 6.36 6.97 -8.87
N PHE A 235 6.57 5.75 -9.33
CA PHE A 235 7.23 5.50 -10.61
C PHE A 235 6.34 4.66 -11.50
N HIS A 236 6.52 4.78 -12.81
CA HIS A 236 5.68 4.10 -13.78
C HIS A 236 6.59 3.51 -14.85
N ARG A 237 6.22 2.36 -15.41
CA ARG A 237 7.01 1.73 -16.45
C ARG A 237 6.09 1.21 -17.55
N SER A 238 6.13 1.89 -18.69
CA SER A 238 5.34 1.50 -19.85
C SER A 238 5.57 0.07 -20.21
N LEU A 239 4.48 -0.72 -20.26
CA LEU A 239 4.50 -2.07 -20.83
C LEU A 239 3.90 -2.07 -22.24
N ASN A 240 2.78 -1.37 -22.37
CA ASN A 240 2.05 -1.20 -23.64
C ASN A 240 1.79 0.30 -23.88
N PRO A 241 2.80 1.02 -24.43
CA PRO A 241 2.77 2.47 -24.58
C PRO A 241 1.74 2.98 -25.60
N GLU A 242 1.31 2.12 -26.52
CA GLU A 242 0.28 2.46 -27.50
C GLU A 242 -1.07 2.78 -26.82
N LYS A 243 -1.52 1.90 -25.93
CA LYS A 243 -2.70 2.17 -25.09
C LYS A 243 -2.47 3.36 -24.16
N LEU A 244 -1.30 3.41 -23.55
CA LEU A 244 -0.98 4.43 -22.55
C LEU A 244 -1.04 5.86 -23.12
N VAL A 245 -0.54 6.03 -24.35
CA VAL A 245 -0.67 7.31 -25.05
C VAL A 245 -2.12 7.55 -25.48
N GLU A 246 -2.80 6.48 -25.89
CA GLU A 246 -4.18 6.59 -26.34
C GLU A 246 -5.05 7.16 -25.23
N ILE A 247 -4.87 6.67 -24.01
CA ILE A 247 -5.72 7.04 -22.89
C ILE A 247 -5.21 8.25 -22.12
N ARG A 248 -4.12 8.84 -22.64
CA ARG A 248 -3.45 10.04 -22.09
C ARG A 248 -2.80 9.81 -20.73
N PHE A 249 -2.45 8.57 -20.44
CA PHE A 249 -1.69 8.26 -19.25
C PHE A 249 -0.30 8.82 -19.46
N SER A 250 0.20 8.64 -20.67
CA SER A 250 1.44 9.22 -21.15
C SER A 250 1.19 10.09 -22.38
N GLY A 251 2.01 11.11 -22.55
CA GLY A 251 2.15 11.71 -23.86
C GLY A 251 3.38 11.10 -24.54
N ILE A 252 3.43 11.21 -25.86
CA ILE A 252 4.69 11.09 -26.61
C ILE A 252 5.53 12.27 -26.16
N PRO A 253 6.71 11.99 -25.57
CA PRO A 253 7.57 13.11 -25.16
C PRO A 253 8.10 13.89 -26.36
N ALA A 254 8.20 15.20 -26.20
CA ALA A 254 8.50 16.11 -27.31
C ALA A 254 9.65 15.72 -28.25
N GLN A 255 10.51 14.80 -27.82
CA GLN A 255 11.69 14.37 -28.62
C GLN A 255 11.42 13.19 -29.57
N TYR A 256 10.23 12.61 -29.51
CA TYR A 256 9.85 11.59 -30.50
C TYR A 256 9.17 12.25 -31.71
N GLN A 257 8.97 13.57 -31.65
CA GLN A 257 8.43 14.31 -32.79
C GLN A 257 9.52 14.40 -33.87
N LYS A 258 10.72 14.76 -33.45
CA LYS A 258 11.89 14.82 -34.33
C LYS A 258 12.20 13.46 -35.00
N PHE A 259 11.28 12.51 -34.85
CA PHE A 259 11.37 11.16 -35.44
C PHE A 259 10.28 10.91 -36.48
N GLN A 260 10.38 9.78 -37.18
CA GLN A 260 9.52 9.51 -38.34
C GLN A 260 8.10 9.08 -37.95
N ASN A 261 7.91 7.76 -37.74
CA ASN A 261 6.69 7.20 -37.10
C ASN A 261 6.88 7.15 -35.58
N PRO A 262 6.55 8.26 -34.87
CA PRO A 262 6.92 8.42 -33.46
C PRO A 262 6.53 7.21 -32.61
N MET A 263 5.30 6.74 -32.78
CA MET A 263 4.80 5.57 -32.08
C MET A 263 5.54 4.25 -32.38
N ALA A 264 6.36 4.21 -33.42
CA ALA A 264 7.12 2.98 -33.66
C ALA A 264 8.34 2.99 -32.73
N MET A 265 8.98 4.16 -32.61
CA MET A 265 10.12 4.37 -31.74
C MET A 265 9.73 4.07 -30.29
N LEU A 266 8.57 4.61 -29.88
CA LEU A 266 8.08 4.44 -28.51
C LEU A 266 7.85 2.96 -28.19
N LYS A 267 7.04 2.29 -29.00
CA LYS A 267 6.86 0.84 -28.89
C LYS A 267 8.20 0.13 -28.77
N ARG A 268 9.13 0.47 -29.67
CA ARG A 268 10.51 -0.07 -29.74
C ARG A 268 11.36 0.10 -28.46
N ASN A 269 11.23 1.26 -27.83
CA ASN A 269 11.99 1.59 -26.66
C ASN A 269 11.57 0.80 -25.44
N TYR A 270 10.29 0.48 -25.37
CA TYR A 270 9.74 -0.18 -24.20
C TYR A 270 9.52 -1.68 -24.42
N GLN A 271 9.84 -2.17 -25.62
CA GLN A 271 9.71 -3.59 -25.98
C GLN A 271 10.44 -4.47 -24.96
N LEU A 272 9.94 -5.69 -24.76
CA LEU A 272 10.45 -6.64 -23.74
C LEU A 272 10.44 -8.08 -24.27
N PRO A 273 11.40 -8.92 -23.79
CA PRO A 273 11.45 -10.31 -24.24
C PRO A 273 10.11 -10.98 -24.00
N SER A 274 9.76 -11.97 -24.83
CA SER A 274 8.53 -12.74 -24.61
C SER A 274 8.60 -13.68 -23.42
N ALA A 275 9.80 -13.96 -22.92
CA ALA A 275 9.93 -14.98 -21.90
C ALA A 275 10.93 -14.63 -20.80
N PRO A 276 10.64 -15.05 -19.57
CA PRO A 276 11.54 -14.85 -18.44
C PRO A 276 12.97 -15.25 -18.78
N LYS A 277 13.92 -14.42 -18.35
CA LYS A 277 15.33 -14.63 -18.67
C LYS A 277 16.04 -15.57 -17.70
N ASN A 278 15.58 -15.60 -16.44
CA ASN A 278 16.12 -16.49 -15.43
C ASN A 278 15.56 -17.90 -15.57
N SER A 279 16.43 -18.85 -15.92
CA SER A 279 16.05 -20.26 -16.05
C SER A 279 15.62 -20.74 -14.69
N GLY A 280 14.53 -21.49 -14.66
CA GLY A 280 14.03 -21.90 -13.34
C GLY A 280 13.35 -20.79 -12.55
N LEU A 281 12.71 -19.89 -13.27
CA LEU A 281 11.70 -19.08 -12.70
C LEU A 281 10.43 -19.88 -12.90
N ARG A 282 9.55 -19.86 -11.93
CA ARG A 282 8.25 -20.55 -11.98
C ARG A 282 7.34 -19.90 -10.93
N GLU A 283 6.03 -20.06 -11.07
CA GLU A 283 5.12 -19.54 -10.03
C GLU A 283 5.42 -20.13 -8.65
N MET A 284 5.21 -19.34 -7.61
CA MET A 284 5.33 -19.82 -6.25
C MET A 284 4.28 -20.88 -5.97
N LYS A 285 4.59 -21.83 -5.09
CA LYS A 285 3.60 -22.85 -4.68
C LYS A 285 3.47 -22.88 -3.17
N PRO A 286 2.46 -23.61 -2.64
CA PRO A 286 2.48 -23.72 -1.17
C PRO A 286 3.78 -24.25 -0.57
N SER A 287 4.42 -25.27 -1.15
CA SER A 287 5.66 -25.78 -0.54
C SER A 287 6.79 -24.73 -0.43
N ASP A 288 6.69 -23.63 -1.17
CA ASP A 288 7.73 -22.60 -1.11
C ASP A 288 7.59 -21.64 0.08
N VAL A 289 6.49 -21.74 0.85
CA VAL A 289 6.18 -20.73 1.88
C VAL A 289 7.36 -20.51 2.83
N PRO A 290 7.82 -21.56 3.56
CA PRO A 290 8.92 -21.30 4.50
C PRO A 290 10.15 -20.61 3.87
N GLN A 291 10.54 -21.03 2.68
CA GLN A 291 11.74 -20.50 2.07
C GLN A 291 11.58 -19.04 1.74
N VAL A 292 10.40 -18.71 1.19
CA VAL A 292 10.08 -17.36 0.80
C VAL A 292 10.05 -16.47 2.03
N ARG A 293 9.40 -16.95 3.09
CA ARG A 293 9.28 -16.21 4.34
C ARG A 293 10.65 -15.78 4.82
N ARG A 294 11.52 -16.78 4.92
CA ARG A 294 12.87 -16.65 5.42
C ARG A 294 13.67 -15.59 4.67
N ILE A 295 13.85 -15.76 3.35
CA ILE A 295 14.63 -14.79 2.58
C ILE A 295 13.94 -13.43 2.53
N LEU A 296 12.60 -13.41 2.63
CA LEU A 296 11.89 -12.13 2.76
C LEU A 296 12.20 -11.44 4.07
N MET A 297 12.14 -12.18 5.17
CA MET A 297 12.37 -11.58 6.49
C MET A 297 13.81 -11.10 6.71
N ASN A 298 14.78 -11.86 6.21
CA ASN A 298 16.19 -11.44 6.26
C ASN A 298 16.37 -10.15 5.47
N TYR A 299 15.71 -10.07 4.31
CA TYR A 299 15.84 -8.88 3.51
C TYR A 299 15.12 -7.70 4.20
N LEU A 300 13.93 -7.94 4.73
CA LEU A 300 13.12 -6.86 5.22
C LEU A 300 13.70 -6.35 6.50
N ASP A 301 14.26 -7.27 7.27
CA ASP A 301 14.89 -6.91 8.54
C ASP A 301 15.88 -5.74 8.42
N SER A 302 16.45 -5.52 7.24
CA SER A 302 17.42 -4.46 7.07
C SER A 302 16.79 -3.06 6.77
N PHE A 303 15.52 -2.88 7.14
CA PHE A 303 14.87 -1.58 6.99
C PHE A 303 14.32 -1.18 8.31
N ASP A 304 14.26 0.13 8.56
CA ASP A 304 13.69 0.64 9.81
C ASP A 304 12.24 0.31 10.04
N VAL A 305 11.40 0.45 9.01
CA VAL A 305 9.99 0.15 9.17
C VAL A 305 9.62 -0.97 8.18
N GLY A 306 9.00 -2.02 8.68
CA GLY A 306 8.77 -3.21 7.89
C GLY A 306 7.92 -4.21 8.67
N PRO A 307 7.11 -5.00 7.96
CA PRO A 307 6.29 -6.04 8.55
C PRO A 307 7.03 -7.36 8.87
N VAL A 308 6.55 -8.04 9.91
CA VAL A 308 6.93 -9.40 10.16
C VAL A 308 5.73 -10.28 9.78
N PHE A 309 5.98 -11.22 8.88
CA PHE A 309 4.97 -12.19 8.45
C PHE A 309 5.24 -13.61 8.96
N SER A 310 4.21 -14.22 9.52
CA SER A 310 4.22 -15.66 9.78
C SER A 310 4.00 -16.43 8.48
N ASP A 311 4.18 -17.76 8.49
CA ASP A 311 3.87 -18.63 7.33
C ASP A 311 2.53 -18.35 6.67
N ALA A 312 1.49 -18.21 7.49
CA ALA A 312 0.12 -18.10 6.99
C ALA A 312 -0.08 -16.76 6.28
N GLU A 313 0.48 -15.70 6.86
CA GLU A 313 0.55 -14.42 6.19
C GLU A 313 1.32 -14.47 4.85
N ILE A 314 2.44 -15.19 4.84
CA ILE A 314 3.18 -15.39 3.60
C ILE A 314 2.35 -16.14 2.54
N SER A 315 1.69 -17.24 2.93
CA SER A 315 0.74 -17.93 2.08
C SER A 315 -0.22 -16.92 1.56
N HIS A 316 -0.80 -16.13 2.46
CA HIS A 316 -1.94 -15.30 2.10
C HIS A 316 -1.58 -14.18 1.13
N TYR A 317 -0.53 -13.41 1.46
CA TYR A 317 -0.20 -12.21 0.70
C TYR A 317 0.61 -12.51 -0.54
N LEU A 318 1.16 -13.73 -0.62
CA LEU A 318 2.06 -14.06 -1.73
C LEU A 318 1.73 -15.30 -2.56
N LEU A 319 1.06 -16.32 -2.03
CA LEU A 319 0.59 -17.39 -2.95
C LEU A 319 -0.24 -16.80 -4.09
N PRO A 320 -0.02 -17.25 -5.35
CA PRO A 320 -0.76 -16.64 -6.50
C PRO A 320 -2.27 -16.82 -6.43
N ARG A 321 -3.03 -15.77 -6.84
CA ARG A 321 -4.50 -15.79 -7.01
C ARG A 321 -4.86 -15.18 -8.37
N ASP A 322 -5.76 -15.80 -9.12
CA ASP A 322 -6.03 -15.34 -10.49
C ASP A 322 -6.57 -13.91 -10.47
N GLY A 323 -5.99 -13.06 -11.29
CA GLY A 323 -6.40 -11.66 -11.37
C GLY A 323 -6.02 -10.68 -10.24
N VAL A 324 -5.32 -11.17 -9.21
CA VAL A 324 -5.11 -10.38 -8.01
C VAL A 324 -3.62 -10.22 -7.67
N VAL A 325 -2.96 -11.35 -7.43
CA VAL A 325 -1.58 -11.39 -7.01
C VAL A 325 -0.83 -12.51 -7.73
N PHE A 326 0.39 -12.19 -8.16
CA PHE A 326 1.23 -13.00 -9.04
C PHE A 326 2.63 -13.06 -8.43
N THR A 327 3.10 -14.27 -8.16
CA THR A 327 4.34 -14.45 -7.44
C THR A 327 5.20 -15.50 -8.09
N TYR A 328 6.46 -15.16 -8.27
CA TYR A 328 7.39 -16.05 -8.98
C TYR A 328 8.58 -16.23 -8.11
N VAL A 329 9.19 -17.39 -8.19
CA VAL A 329 10.37 -17.66 -7.37
C VAL A 329 11.47 -18.05 -8.31
N VAL A 330 12.72 -17.96 -7.87
CA VAL A 330 13.82 -18.53 -8.65
C VAL A 330 14.27 -19.75 -7.90
N GLU A 331 14.10 -20.92 -8.52
CA GLU A 331 14.64 -22.14 -7.93
C GLU A 331 15.79 -22.69 -8.77
N ASN A 332 16.90 -22.95 -8.10
CA ASN A 332 17.88 -23.85 -8.66
C ASN A 332 18.42 -24.76 -7.57
N ASP A 333 18.52 -26.05 -7.91
CA ASP A 333 18.93 -27.14 -7.00
C ASP A 333 17.85 -27.33 -5.91
N LYS A 334 16.61 -27.48 -6.37
CA LYS A 334 15.42 -27.49 -5.50
C LYS A 334 15.56 -26.43 -4.36
N LYS A 335 16.25 -25.32 -4.68
CA LYS A 335 16.56 -24.27 -3.72
C LYS A 335 15.95 -22.94 -4.18
N VAL A 336 15.00 -22.42 -3.39
CA VAL A 336 14.43 -21.09 -3.70
C VAL A 336 15.39 -19.96 -3.29
N THR A 337 16.01 -19.31 -4.28
CA THR A 337 16.97 -18.24 -3.95
C THR A 337 16.44 -16.82 -4.06
N ASP A 338 15.46 -16.61 -4.91
CA ASP A 338 14.92 -15.27 -5.15
C ASP A 338 13.46 -15.41 -5.41
N PHE A 339 12.69 -14.40 -5.01
CA PHE A 339 11.31 -14.28 -5.46
C PHE A 339 10.94 -12.84 -5.86
N PHE A 340 9.97 -12.71 -6.77
CA PHE A 340 9.30 -11.44 -6.93
C PHE A 340 7.76 -11.61 -6.96
N SER A 341 7.02 -10.58 -6.57
CA SER A 341 5.55 -10.65 -6.60
C SER A 341 5.00 -9.31 -7.04
N PHE A 342 3.86 -9.31 -7.76
CA PHE A 342 3.10 -8.06 -8.03
C PHE A 342 1.61 -8.30 -7.96
N TYR A 343 0.82 -7.25 -7.65
CA TYR A 343 -0.65 -7.31 -7.62
C TYR A 343 -1.30 -6.38 -8.65
N ARG A 344 -2.49 -6.76 -9.12
CA ARG A 344 -3.26 -6.02 -10.11
C ARG A 344 -4.27 -5.07 -9.50
N ILE A 345 -4.18 -3.80 -9.86
CA ILE A 345 -5.30 -2.92 -9.61
C ILE A 345 -5.61 -2.32 -10.97
N PRO A 346 -6.77 -2.68 -11.56
CA PRO A 346 -7.20 -2.00 -12.78
C PRO A 346 -7.79 -0.65 -12.42
N SER A 347 -7.69 0.34 -13.32
CA SER A 347 -8.25 1.68 -13.14
C SER A 347 -9.24 2.08 -14.23
N THR A 348 -10.36 2.67 -13.82
CA THR A 348 -11.37 3.23 -14.72
C THR A 348 -10.75 4.39 -15.49
N VAL A 349 -10.79 4.31 -16.83
CA VAL A 349 -10.38 5.44 -17.65
C VAL A 349 -11.60 6.33 -17.77
N ILE A 350 -11.53 7.49 -17.12
CA ILE A 350 -12.72 8.30 -16.79
C ILE A 350 -13.33 9.03 -17.99
N GLY A 351 -12.49 9.61 -18.85
CA GLY A 351 -12.98 10.22 -20.10
C GLY A 351 -13.32 9.16 -21.14
N ASN A 352 -12.40 9.03 -22.11
CA ASN A 352 -12.35 7.96 -23.14
C ASN A 352 -13.55 7.03 -23.39
N SER A 353 -13.89 6.89 -24.68
CA SER A 353 -14.86 5.93 -25.17
C SER A 353 -14.17 4.67 -25.72
N ASN A 354 -13.04 4.87 -26.43
CA ASN A 354 -12.17 3.80 -26.97
C ASN A 354 -11.88 2.66 -25.97
N TYR A 355 -11.35 3.04 -24.82
CA TYR A 355 -10.86 2.11 -23.80
C TYR A 355 -11.59 2.29 -22.48
N ASN A 356 -11.77 1.18 -21.77
CA ASN A 356 -12.44 1.23 -20.50
C ASN A 356 -11.43 1.26 -19.35
N LEU A 357 -10.48 0.33 -19.35
CA LEU A 357 -9.63 0.12 -18.18
C LEU A 357 -8.15 0.26 -18.45
N LEU A 358 -7.42 0.75 -17.43
CA LEU A 358 -5.96 0.67 -17.38
C LEU A 358 -5.58 -0.52 -16.51
N ASN A 359 -4.76 -1.41 -17.05
CA ASN A 359 -4.48 -2.67 -16.40
C ASN A 359 -3.08 -2.66 -15.76
N ALA A 360 -3.02 -2.10 -14.55
CA ALA A 360 -1.75 -1.78 -13.91
C ALA A 360 -1.30 -2.86 -12.95
N ALA A 361 -0.01 -3.21 -13.01
CA ALA A 361 0.65 -4.09 -12.03
C ALA A 361 1.47 -3.25 -11.05
N TYR A 362 1.47 -3.65 -9.77
CA TYR A 362 2.22 -2.96 -8.73
C TYR A 362 3.23 -3.88 -8.08
N VAL A 363 4.48 -3.44 -8.03
CA VAL A 363 5.57 -4.22 -7.48
C VAL A 363 5.23 -4.51 -6.01
N HIS A 364 5.08 -5.80 -5.67
CA HIS A 364 4.78 -6.21 -4.28
C HIS A 364 6.11 -6.42 -3.57
N TYR A 365 6.16 -7.34 -2.58
CA TYR A 365 7.45 -7.73 -1.96
C TYR A 365 8.25 -8.52 -2.98
N TYR A 366 9.55 -8.61 -2.74
CA TYR A 366 10.46 -9.40 -3.50
C TYR A 366 11.64 -9.62 -2.57
N ALA A 367 12.58 -10.47 -2.99
CA ALA A 367 13.90 -10.62 -2.39
C ALA A 367 14.84 -11.29 -3.38
N ALA A 368 16.07 -10.79 -3.45
CA ALA A 368 17.08 -11.35 -4.36
C ALA A 368 18.35 -11.68 -3.59
N THR A 369 18.87 -12.90 -3.75
CA THR A 369 20.12 -13.29 -3.07
C THR A 369 21.17 -13.83 -4.00
N SER A 370 20.74 -14.30 -5.18
CA SER A 370 21.65 -14.93 -6.14
C SER A 370 21.84 -14.13 -7.40
N ILE A 371 21.14 -13.00 -7.51
CA ILE A 371 21.15 -12.20 -8.74
C ILE A 371 20.89 -10.72 -8.49
N PRO A 372 21.46 -9.85 -9.35
CA PRO A 372 21.25 -8.42 -9.20
C PRO A 372 19.76 -8.14 -9.28
N LEU A 373 19.29 -7.26 -8.41
CA LEU A 373 17.87 -6.98 -8.32
C LEU A 373 17.25 -6.54 -9.63
N HIS A 374 17.96 -5.75 -10.43
CA HIS A 374 17.43 -5.31 -11.74
C HIS A 374 17.20 -6.50 -12.67
N GLN A 375 17.94 -7.58 -12.45
CA GLN A 375 17.75 -8.75 -13.29
C GLN A 375 16.52 -9.55 -12.82
N LEU A 376 16.26 -9.55 -11.50
CA LEU A 376 15.06 -10.17 -10.99
C LEU A 376 13.81 -9.48 -11.53
N ILE A 377 13.77 -8.16 -11.33
CA ILE A 377 12.62 -7.31 -11.66
C ILE A 377 12.39 -7.16 -13.17
N LEU A 378 13.42 -7.38 -13.97
CA LEU A 378 13.20 -7.43 -15.41
C LEU A 378 12.23 -8.55 -15.75
N ASP A 379 12.46 -9.74 -15.21
CA ASP A 379 11.49 -10.82 -15.40
C ASP A 379 10.09 -10.50 -14.84
N LEU A 380 10.03 -9.70 -13.77
CA LEU A 380 8.77 -9.11 -13.32
C LEU A 380 8.11 -8.34 -14.48
N LEU A 381 8.84 -7.41 -15.09
CA LEU A 381 8.26 -6.67 -16.20
C LEU A 381 7.82 -7.60 -17.33
N ILE A 382 8.66 -8.60 -17.66
CA ILE A 382 8.33 -9.55 -18.74
C ILE A 382 7.04 -10.31 -18.49
N VAL A 383 6.92 -10.91 -17.31
CA VAL A 383 5.71 -11.62 -16.91
C VAL A 383 4.49 -10.71 -16.99
N ALA A 384 4.60 -9.56 -16.34
CA ALA A 384 3.51 -8.57 -16.32
C ALA A 384 3.08 -8.19 -17.75
N HIS A 385 4.05 -8.06 -18.66
CA HIS A 385 3.71 -7.67 -20.04
C HIS A 385 3.05 -8.81 -20.78
N SER A 386 3.52 -10.02 -20.58
CA SER A 386 2.95 -11.14 -21.32
C SER A 386 1.56 -11.50 -20.80
N ARG A 387 1.27 -11.13 -19.55
CA ARG A 387 -0.09 -11.29 -18.98
C ARG A 387 -0.98 -10.11 -19.34
N GLY A 388 -0.53 -9.24 -20.24
CA GLY A 388 -1.37 -8.14 -20.71
C GLY A 388 -1.58 -6.92 -19.83
N PHE A 389 -0.67 -6.66 -18.91
CA PHE A 389 -0.71 -5.43 -18.13
C PHE A 389 -0.20 -4.25 -18.96
N ASP A 390 -0.76 -3.07 -18.73
CA ASP A 390 -0.40 -1.88 -19.53
C ASP A 390 0.85 -1.17 -19.00
N VAL A 391 1.02 -1.19 -17.68
CA VAL A 391 1.99 -0.37 -16.93
C VAL A 391 2.37 -1.09 -15.62
N CYS A 392 3.60 -0.82 -15.15
CA CYS A 392 4.03 -1.30 -13.86
C CYS A 392 4.31 -0.10 -13.00
N ASN A 393 3.70 -0.11 -11.81
CA ASN A 393 3.78 0.98 -10.89
C ASN A 393 4.54 0.63 -9.63
N MET A 394 5.19 1.64 -9.04
CA MET A 394 5.69 1.48 -7.70
C MET A 394 5.92 2.83 -7.07
N VAL A 395 6.28 2.78 -5.79
CA VAL A 395 6.77 3.87 -4.99
C VAL A 395 8.22 3.54 -4.66
N GLU A 396 9.05 4.57 -4.48
CA GLU A 396 10.49 4.37 -4.21
C GLU A 396 10.73 3.87 -2.78
N ILE A 397 9.96 2.88 -2.34
CA ILE A 397 10.28 2.22 -1.08
C ILE A 397 11.26 1.11 -1.40
N LEU A 398 11.66 0.35 -0.38
CA LEU A 398 12.58 -0.78 -0.57
C LEU A 398 13.85 -0.38 -1.35
N ASP A 399 14.41 -1.31 -2.11
CA ASP A 399 15.53 -0.98 -2.99
C ASP A 399 15.03 -0.68 -4.39
N ASN A 400 13.75 -0.31 -4.48
CA ASN A 400 13.05 0.11 -5.70
C ASN A 400 13.83 1.10 -6.57
N ARG A 401 14.40 2.15 -5.95
CA ARG A 401 15.24 3.14 -6.62
C ARG A 401 16.42 2.55 -7.36
N SER A 402 16.87 1.39 -6.91
CA SER A 402 18.11 0.82 -7.47
C SER A 402 17.92 0.14 -8.83
N PHE A 403 16.71 0.19 -9.39
CA PHE A 403 16.48 -0.39 -10.72
C PHE A 403 15.63 0.52 -11.60
N VAL A 404 15.37 1.72 -11.12
CA VAL A 404 14.62 2.72 -11.89
C VAL A 404 15.22 2.98 -13.27
N GLU A 405 16.51 3.29 -13.32
CA GLU A 405 17.13 3.66 -14.58
C GLU A 405 17.24 2.51 -15.53
N GLN A 406 17.74 1.37 -15.07
CA GLN A 406 17.95 0.36 -16.07
C GLN A 406 16.66 -0.22 -16.60
N LEU A 407 15.62 -0.29 -15.77
CA LEU A 407 14.36 -0.85 -16.23
C LEU A 407 13.41 0.19 -16.89
N LYS A 408 13.89 1.43 -17.01
CA LYS A 408 13.19 2.51 -17.73
C LYS A 408 11.89 2.89 -17.02
N PHE A 409 11.96 3.06 -15.71
CA PHE A 409 10.84 3.65 -15.00
C PHE A 409 11.03 5.16 -15.08
N GLY A 410 9.94 5.90 -14.95
CA GLY A 410 9.98 7.34 -14.82
C GLY A 410 9.14 7.74 -13.63
N ALA A 411 9.56 8.81 -12.94
CA ALA A 411 8.79 9.32 -11.81
C ALA A 411 7.52 9.86 -12.34
N GLY A 412 6.46 9.79 -11.53
CA GLY A 412 5.18 10.42 -11.87
C GLY A 412 4.88 11.68 -11.07
N ASP A 413 3.61 12.10 -11.08
CA ASP A 413 3.20 13.23 -10.27
C ASP A 413 2.82 12.71 -8.90
N GLY A 414 3.08 13.52 -7.88
CA GLY A 414 2.71 13.18 -6.51
C GLY A 414 3.56 12.16 -5.76
N HIS A 415 3.14 11.87 -4.54
CA HIS A 415 3.99 11.25 -3.55
C HIS A 415 3.13 10.42 -2.66
N LEU A 416 3.52 9.19 -2.41
CA LEU A 416 2.88 8.46 -1.34
C LEU A 416 3.50 8.88 0.01
N ARG A 417 2.66 9.30 0.96
CA ARG A 417 3.14 9.63 2.29
C ARG A 417 2.77 8.52 3.25
N TYR A 418 3.67 8.27 4.20
CA TYR A 418 3.48 7.23 5.16
C TYR A 418 3.29 7.89 6.51
N TYR A 419 2.34 7.40 7.30
CA TYR A 419 1.96 8.05 8.54
C TYR A 419 1.76 7.05 9.62
N PHE A 420 2.00 7.47 10.87
CA PHE A 420 1.56 6.66 12.01
C PHE A 420 0.51 7.46 12.75
N TYR A 421 -0.41 6.74 13.38
CA TYR A 421 -1.31 7.32 14.34
C TYR A 421 -0.83 6.96 15.75
N ASN A 422 -0.52 8.00 16.53
CA ASN A 422 -0.16 7.89 17.95
C ASN A 422 1.15 7.15 18.11
N TRP A 423 2.18 7.66 17.45
CA TRP A 423 3.49 7.04 17.44
C TRP A 423 4.51 8.08 16.98
N ALA A 424 5.31 8.58 17.91
CA ALA A 424 6.34 9.55 17.58
C ALA A 424 7.43 8.84 16.77
N TYR A 425 7.71 9.34 15.58
CA TYR A 425 8.71 8.73 14.70
C TYR A 425 9.49 9.81 13.94
N PRO A 426 10.83 9.79 14.01
CA PRO A 426 11.58 10.76 13.19
C PRO A 426 11.34 10.56 11.70
N LYS A 427 11.51 11.64 10.94
CA LYS A 427 11.49 11.60 9.49
C LYS A 427 12.56 10.61 9.03
N ILE A 428 12.16 9.60 8.25
CA ILE A 428 13.11 8.67 7.61
C ILE A 428 13.00 8.74 6.09
N LYS A 429 14.04 8.31 5.38
CA LYS A 429 14.01 8.25 3.93
C LYS A 429 13.03 7.15 3.46
N PRO A 430 12.51 7.23 2.21
CA PRO A 430 11.57 6.19 1.80
C PRO A 430 12.24 4.84 1.52
N SER A 431 13.53 4.84 1.21
CA SER A 431 14.28 3.58 1.05
C SER A 431 14.60 2.93 2.41
N GLN A 432 14.14 3.56 3.48
CA GLN A 432 14.21 2.94 4.79
C GLN A 432 12.86 2.39 5.21
N VAL A 433 11.92 2.36 4.27
CA VAL A 433 10.57 1.82 4.52
C VAL A 433 10.37 0.53 3.76
N ALA A 434 9.80 -0.47 4.42
CA ALA A 434 9.62 -1.80 3.80
C ALA A 434 8.19 -2.33 3.84
N LEU A 435 7.24 -1.43 4.10
CA LEU A 435 5.84 -1.74 4.08
C LEU A 435 5.16 -1.31 2.77
N VAL A 436 4.72 -2.31 2.02
CA VAL A 436 3.94 -2.17 0.79
C VAL A 436 2.49 -2.06 1.16
N MET A 437 1.85 -0.98 0.72
CA MET A 437 0.44 -0.71 1.05
C MET A 437 -0.42 -1.04 -0.17
N LEU A 438 -1.43 -1.87 0.02
CA LEU A 438 -2.28 -2.29 -1.08
C LEU A 438 -3.20 -1.17 -1.56
#